data_5ZFI
#
_entry.id   5ZFI
#
_cell.length_a   70.850
_cell.length_b   70.850
_cell.length_c   98.022
_cell.angle_alpha   90.00
_cell.angle_beta   90.00
_cell.angle_gamma   90.00
#
_symmetry.space_group_name_H-M   'P 43 21 2'
#
loop_
_entity.id
_entity.type
_entity.pdbx_description
1 polymer Kallikrein-7
2 non-polymer 2-[(3Z,6R)-6-[(2,6-dichlorophenyl)methyl]-3-(dimethylhydrazinylidene)-7-oxo-1,4-diazepan-1-yl]-N-[3-(1-methyl-1H-pyrazol-4-yl)phenyl]acetamide
3 non-polymer 2-AMINO-2-HYDROXYMETHYL-PROPANE-1,3-DIOL
4 water water
#
_entity_poly.entity_id   1
_entity_poly.type   'polypeptide(L)'
_entity_poly.pdbx_seq_one_letter_code
;IIDGYKCKEGSHPWQVALLKGNQLHCGGVLVDKYWVLTAAHCKMGQYQVQLGSDKIGDQSAQKIKATKSFRHPGYSTKTH
VNDIMLVRLDEPVKMSSKVEAVQLPEHCEPPGTSCTVSGWGTTTSPDVTFPSDLMCSDVKLISSRECKKVYKDLLGKTML
CAGIPDSKTNTCNGDSGGPLVCNDTLQGLVSWGTYPCGQPNDPGVYTQVCKYKRWVMETMKTHR
;
_entity_poly.pdbx_strand_id   A
#
loop_
_chem_comp.id
_chem_comp.type
_chem_comp.name
_chem_comp.formula
9C9 non-polymer 2-[(3Z,6R)-6-[(2,6-dichlorophenyl)methyl]-3-(dimethylhydrazinylidene)-7-oxo-1,4-diazepan-1-yl]-N-[3-(1-methyl-1H-pyrazol-4-yl)phenyl]acetamide 'C26 H29 Cl2 N7 O2'
TRS non-polymer 2-AMINO-2-HYDROXYMETHYL-PROPANE-1,3-DIOL 'C4 H12 N O3 1'
#
# COMPACT_ATOMS: atom_id res chain seq x y z
N ILE A 1 -9.19 -6.45 1.13
CA ILE A 1 -10.19 -5.37 0.91
C ILE A 1 -11.62 -5.85 1.23
N ILE A 2 -12.23 -5.22 2.22
CA ILE A 2 -13.60 -5.52 2.59
C ILE A 2 -14.52 -4.66 1.71
N ASP A 3 -15.57 -5.26 1.13
CA ASP A 3 -16.61 -4.50 0.41
C ASP A 3 -16.04 -3.72 -0.71
N GLY A 4 -15.18 -4.38 -1.47
CA GLY A 4 -14.57 -3.78 -2.66
C GLY A 4 -15.15 -4.31 -3.95
N TYR A 5 -14.35 -4.15 -5.02
CA TYR A 5 -14.67 -4.65 -6.35
C TYR A 5 -13.40 -5.07 -6.97
N LYS A 6 -13.50 -5.98 -7.92
CA LYS A 6 -12.36 -6.39 -8.65
C LYS A 6 -11.85 -5.21 -9.48
N CYS A 7 -10.59 -4.86 -9.27
CA CYS A 7 -9.98 -3.71 -9.91
C CYS A 7 -10.03 -3.90 -11.40
N LYS A 8 -10.21 -2.81 -12.13
CA LYS A 8 -10.31 -2.91 -13.57
C LYS A 8 -8.98 -3.37 -14.12
N GLU A 9 -9.04 -4.27 -15.07
CA GLU A 9 -7.87 -4.67 -15.86
C GLU A 9 -7.02 -3.48 -16.33
N GLY A 10 -5.75 -3.47 -15.91
CA GLY A 10 -4.80 -2.47 -16.36
C GLY A 10 -4.82 -1.13 -15.64
N SER A 11 -5.79 -0.94 -14.76
CA SER A 11 -5.92 0.31 -14.03
C SER A 11 -4.92 0.41 -12.83
N HIS A 12 -4.23 -0.69 -12.51
CA HIS A 12 -3.30 -0.67 -11.37
C HIS A 12 -2.00 -1.35 -11.68
N PRO A 13 -1.29 -0.85 -12.68
CA PRO A 13 -0.09 -1.51 -13.13
C PRO A 13 1.09 -1.32 -12.19
N TRP A 14 0.92 -0.52 -11.15
CA TRP A 14 1.96 -0.29 -10.15
C TRP A 14 1.86 -1.25 -8.95
N GLN A 15 0.74 -1.95 -8.81
CA GLN A 15 0.57 -2.88 -7.73
C GLN A 15 1.56 -4.00 -7.85
N VAL A 16 2.24 -4.32 -6.75
CA VAL A 16 2.99 -5.57 -6.64
C VAL A 16 2.54 -6.40 -5.46
N ALA A 17 2.83 -7.69 -5.55
CA ALA A 17 2.73 -8.59 -4.39
C ALA A 17 4.10 -8.81 -3.84
N LEU A 18 4.25 -8.67 -2.52
CA LEU A 18 5.41 -9.15 -1.86
C LEU A 18 5.13 -10.54 -1.26
N LEU A 19 5.81 -11.55 -1.79
CA LEU A 19 5.57 -12.89 -1.42
C LEU A 19 6.67 -13.41 -0.57
N LYS A 20 6.23 -14.19 0.43
CA LYS A 20 7.09 -15.05 1.23
C LYS A 20 6.99 -16.44 0.69
N GLY A 21 8.07 -16.88 0.00
CA GLY A 21 8.00 -17.96 -1.01
C GLY A 21 6.97 -17.70 -2.11
N ASN A 22 5.88 -18.47 -2.07
CA ASN A 22 4.74 -18.28 -2.95
C ASN A 22 3.59 -17.62 -2.29
N GLN A 23 3.70 -17.31 -1.03
CA GLN A 23 2.51 -16.93 -0.28
C GLN A 23 2.46 -15.39 -0.02
N LEU A 24 1.27 -14.81 -0.06
CA LEU A 24 1.14 -13.41 0.02
C LEU A 24 1.59 -12.92 1.40
N HIS A 25 2.47 -11.94 1.41
CA HIS A 25 2.92 -11.30 2.68
C HIS A 25 2.39 -9.91 2.76
N CYS A 26 2.55 -9.13 1.70
CA CYS A 26 2.14 -7.76 1.73
C CYS A 26 1.90 -7.30 0.34
N GLY A 27 1.28 -6.14 0.21
CA GLY A 27 1.26 -5.40 -1.02
C GLY A 27 2.43 -4.49 -1.12
N GLY A 28 2.54 -3.86 -2.26
CA GLY A 28 3.56 -2.86 -2.49
C GLY A 28 3.27 -2.15 -3.79
N VAL A 29 4.04 -1.09 -4.06
CA VAL A 29 3.78 -0.25 -5.19
C VAL A 29 5.07 0.14 -5.90
N LEU A 30 5.11 -0.18 -7.19
CA LEU A 30 6.23 0.15 -7.98
C LEU A 30 6.41 1.67 -8.13
N VAL A 31 7.62 2.15 -7.84
CA VAL A 31 7.94 3.57 -8.05
C VAL A 31 9.04 3.85 -9.09
N ASP A 32 9.66 2.81 -9.60
CA ASP A 32 10.75 2.91 -10.61
C ASP A 32 10.94 1.46 -11.10
N LYS A 33 11.70 1.25 -12.20
CA LYS A 33 11.95 -0.09 -12.64
C LYS A 33 12.69 -0.96 -11.64
N TYR A 34 13.38 -0.32 -10.68
CA TYR A 34 14.20 -1.04 -9.70
C TYR A 34 13.67 -0.99 -8.20
N TRP A 35 12.59 -0.28 -7.96
CA TRP A 35 12.25 0.14 -6.58
C TRP A 35 10.78 -0.04 -6.33
N VAL A 36 10.46 -0.58 -5.17
CA VAL A 36 9.13 -0.79 -4.71
C VAL A 36 9.00 -0.11 -3.35
N LEU A 37 7.93 0.67 -3.20
CA LEU A 37 7.57 1.28 -1.90
C LEU A 37 6.57 0.37 -1.19
N THR A 38 6.68 0.27 0.14
CA THR A 38 5.74 -0.53 0.91
C THR A 38 5.85 -0.15 2.41
N ALA A 39 5.11 -0.85 3.25
CA ALA A 39 5.14 -0.54 4.70
C ALA A 39 6.39 -1.17 5.35
N ALA A 40 6.95 -0.45 6.30
CA ALA A 40 8.09 -0.96 7.09
C ALA A 40 7.75 -2.24 7.79
N HIS A 41 6.49 -2.46 8.12
CA HIS A 41 6.18 -3.68 8.93
C HIS A 41 6.21 -4.91 8.06
N CYS A 42 6.33 -4.69 6.75
CA CYS A 42 6.34 -5.74 5.78
C CYS A 42 7.72 -6.34 5.53
N LYS A 43 8.71 -5.86 6.25
CA LYS A 43 10.09 -6.20 5.98
C LYS A 43 10.35 -7.71 6.24
N MET A 44 11.15 -8.29 5.35
CA MET A 44 11.68 -9.64 5.47
C MET A 44 13.11 -9.62 5.00
N GLY A 45 13.86 -10.70 5.24
CA GLY A 45 15.23 -10.85 4.65
C GLY A 45 15.23 -10.88 3.13
N GLN A 46 14.22 -11.48 2.57
CA GLN A 46 14.12 -11.53 1.13
C GLN A 46 12.69 -11.70 0.68
N TYR A 47 12.37 -11.20 -0.49
CA TYR A 47 11.01 -11.28 -1.02
C TYR A 47 11.03 -11.88 -2.44
N GLN A 48 9.90 -12.45 -2.84
CA GLN A 48 9.58 -12.60 -4.23
C GLN A 48 8.56 -11.60 -4.55
N VAL A 49 8.90 -10.70 -5.45
CA VAL A 49 8.03 -9.64 -5.87
C VAL A 49 7.31 -10.02 -7.20
N GLN A 50 5.97 -10.16 -7.13
CA GLN A 50 5.15 -10.36 -8.32
C GLN A 50 4.70 -9.08 -8.94
N LEU A 51 4.98 -8.93 -10.25
CA LEU A 51 4.58 -7.73 -10.98
C LEU A 51 3.80 -8.07 -12.19
N GLY A 52 2.92 -7.18 -12.56
CA GLY A 52 2.28 -7.19 -13.85
C GLY A 52 1.12 -8.18 -13.96
N SER A 53 0.43 -8.46 -12.85
CA SER A 53 -0.78 -9.23 -12.91
C SER A 53 -1.73 -8.89 -11.80
N ASP A 54 -3.02 -9.01 -12.11
CA ASP A 54 -4.08 -8.80 -11.14
C ASP A 54 -4.34 -10.01 -10.35
N LYS A 55 -3.74 -11.13 -10.74
CA LYS A 55 -4.02 -12.39 -10.08
C LYS A 55 -2.85 -12.84 -9.22
N ILE A 56 -3.13 -13.06 -7.95
CA ILE A 56 -2.13 -13.39 -7.02
C ILE A 56 -1.66 -14.81 -7.27
N GLY A 57 -0.35 -14.98 -7.30
CA GLY A 57 0.26 -16.26 -7.60
C GLY A 57 0.07 -16.58 -9.01
N ASP A 58 -0.02 -15.56 -9.83
CA ASP A 58 -0.05 -15.76 -11.29
C ASP A 58 1.29 -16.39 -11.73
N GLN A 59 1.19 -17.56 -12.33
CA GLN A 59 2.33 -18.36 -12.78
C GLN A 59 3.08 -17.64 -13.95
N SER A 60 2.35 -16.84 -14.68
CA SER A 60 2.88 -16.11 -15.82
C SER A 60 3.45 -14.76 -15.47
N ALA A 61 3.15 -14.24 -14.30
CA ALA A 61 3.62 -12.89 -13.97
C ALA A 61 5.12 -12.96 -13.79
N GLN A 62 5.78 -11.84 -13.98
CA GLN A 62 7.14 -11.75 -13.61
CA GLN A 62 7.18 -11.71 -13.62
C GLN A 62 7.31 -11.73 -12.09
N LYS A 63 8.17 -12.61 -11.61
CA LYS A 63 8.59 -12.61 -10.22
C LYS A 63 10.02 -12.21 -10.22
N ILE A 64 10.35 -11.18 -9.44
CA ILE A 64 11.69 -10.76 -9.25
C ILE A 64 12.07 -10.81 -7.77
N LYS A 65 13.23 -11.43 -7.48
CA LYS A 65 13.71 -11.55 -6.11
C LYS A 65 14.20 -10.21 -5.58
N ALA A 66 14.00 -9.99 -4.30
CA ALA A 66 14.55 -8.82 -3.69
C ALA A 66 15.08 -9.17 -2.31
N THR A 67 16.23 -8.61 -1.96
CA THR A 67 16.86 -8.89 -0.71
C THR A 67 17.36 -7.66 0.03
N LYS A 68 17.18 -6.48 -0.54
CA LYS A 68 17.65 -5.27 0.11
C LYS A 68 16.50 -4.40 0.43
N SER A 69 16.34 -4.09 1.73
CA SER A 69 15.25 -3.23 2.20
C SER A 69 15.82 -2.00 2.87
N PHE A 70 15.12 -0.88 2.72
CA PHE A 70 15.55 0.37 3.23
C PHE A 70 14.40 0.97 3.99
N ARG A 71 14.21 0.50 5.24
CA ARG A 71 13.16 1.02 6.15
C ARG A 71 13.48 2.40 6.59
N HIS A 72 12.50 3.26 6.65
CA HIS A 72 12.69 4.52 7.24
C HIS A 72 13.24 4.28 8.65
N PRO A 73 14.39 4.87 8.94
CA PRO A 73 15.04 4.64 10.29
C PRO A 73 14.16 4.99 11.48
N GLY A 74 13.15 5.80 11.27
CA GLY A 74 12.26 6.24 12.35
C GLY A 74 11.09 5.32 12.61
N TYR A 75 11.06 4.15 11.96
CA TYR A 75 9.96 3.22 12.11
C TYR A 75 9.89 2.76 13.54
N SER A 76 8.71 2.76 14.10
CA SER A 76 8.49 2.22 15.46
C SER A 76 7.69 0.96 15.39
N THR A 77 8.18 -0.07 16.05
CA THR A 77 7.40 -1.29 16.26
C THR A 77 6.32 -1.10 17.34
N LYS A 78 6.44 -0.06 18.15
CA LYS A 78 5.44 0.19 19.18
C LYS A 78 4.27 0.96 18.66
N THR A 79 4.56 2.10 18.06
CA THR A 79 3.52 3.05 17.70
C THR A 79 3.25 2.98 16.19
N HIS A 80 4.19 2.40 15.44
CA HIS A 80 4.03 2.27 13.98
C HIS A 80 4.03 3.58 13.24
N VAL A 81 4.64 4.60 13.84
CA VAL A 81 5.00 5.78 13.08
C VAL A 81 6.10 5.49 12.04
N ASN A 82 6.11 6.31 10.99
CA ASN A 82 7.04 6.15 9.86
C ASN A 82 7.02 4.76 9.22
N ASP A 83 5.86 4.24 8.94
CA ASP A 83 5.73 2.89 8.48
C ASP A 83 5.89 2.86 6.99
N ILE A 84 7.12 3.06 6.54
CA ILE A 84 7.41 3.16 5.13
C ILE A 84 8.77 2.57 4.83
N MET A 85 8.88 1.91 3.69
CA MET A 85 10.08 1.17 3.33
C MET A 85 10.24 1.11 1.80
N LEU A 86 11.45 1.23 1.35
CA LEU A 86 11.78 0.99 -0.05
C LEU A 86 12.52 -0.30 -0.18
N VAL A 87 12.24 -1.05 -1.26
CA VAL A 87 12.81 -2.34 -1.48
C VAL A 87 13.47 -2.31 -2.90
N ARG A 88 14.75 -2.64 -2.97
CA ARG A 88 15.46 -2.64 -4.23
C ARG A 88 15.33 -4.03 -4.91
N LEU A 89 14.84 -4.05 -6.14
CA LEU A 89 14.75 -5.32 -6.92
C LEU A 89 16.14 -5.83 -7.43
N ASP A 90 16.32 -7.18 -7.44
CA ASP A 90 17.58 -7.81 -7.89
C ASP A 90 17.84 -7.45 -9.32
N GLU A 91 16.75 -7.36 -10.07
CA GLU A 91 16.80 -7.02 -11.50
C GLU A 91 15.68 -6.02 -11.81
N PRO A 92 15.84 -5.26 -12.91
CA PRO A 92 14.82 -4.25 -13.25
C PRO A 92 13.65 -4.85 -13.98
N VAL A 93 12.44 -4.43 -13.63
CA VAL A 93 11.29 -4.89 -14.26
C VAL A 93 11.11 -4.19 -15.62
N LYS A 94 10.70 -4.96 -16.60
CA LYS A 94 10.29 -4.38 -17.91
C LYS A 94 8.88 -3.76 -17.88
N MET A 95 8.77 -2.54 -18.33
CA MET A 95 7.51 -1.84 -18.34
C MET A 95 6.57 -2.33 -19.49
N SER A 96 5.26 -2.22 -19.29
CA SER A 96 4.29 -2.73 -20.28
C SER A 96 2.93 -2.22 -19.95
N SER A 97 1.88 -2.71 -20.66
CA SER A 97 0.48 -2.34 -20.34
C SER A 97 0.07 -2.82 -18.97
N LYS A 98 0.85 -3.76 -18.42
CA LYS A 98 0.56 -4.33 -17.12
C LYS A 98 1.53 -3.86 -16.03
N VAL A 99 2.60 -3.16 -16.41
CA VAL A 99 3.64 -2.81 -15.45
C VAL A 99 4.06 -1.39 -15.66
N GLU A 100 4.00 -0.60 -14.59
CA GLU A 100 4.21 0.80 -14.68
C GLU A 100 4.31 1.41 -13.29
N ALA A 101 5.23 2.35 -13.18
CA ALA A 101 5.48 3.01 -11.91
C ALA A 101 4.40 4.00 -11.60
N VAL A 102 4.06 4.13 -10.33
CA VAL A 102 3.09 5.16 -9.90
C VAL A 102 3.74 6.53 -9.86
N GLN A 103 2.93 7.57 -9.90
CA GLN A 103 3.42 8.94 -9.84
C GLN A 103 3.53 9.26 -8.39
N LEU A 104 4.74 9.60 -7.92
CA LEU A 104 4.92 10.03 -6.50
C LEU A 104 4.39 11.45 -6.30
N PRO A 105 3.98 11.80 -5.06
CA PRO A 105 3.24 13.05 -4.94
C PRO A 105 4.15 14.27 -4.85
N GLU A 106 3.71 15.37 -5.42
CA GLU A 106 4.35 16.66 -5.23
C GLU A 106 3.78 17.36 -4.01
N HIS A 107 2.47 17.24 -3.83
CA HIS A 107 1.79 17.88 -2.75
C HIS A 107 0.96 16.88 -1.96
N CYS A 108 0.48 17.30 -0.81
CA CYS A 108 -0.43 16.48 0.01
C CYS A 108 -1.87 16.79 -0.37
N GLU A 109 -2.61 15.77 -0.78
CA GLU A 109 -3.99 15.96 -1.11
C GLU A 109 -4.81 16.18 0.16
N PRO A 110 -5.82 17.04 0.06
CA PRO A 110 -6.64 17.45 1.21
C PRO A 110 -7.74 16.45 1.55
N PRO A 111 -8.30 16.60 2.74
CA PRO A 111 -9.46 15.86 3.18
C PRO A 111 -10.59 16.02 2.22
N GLY A 112 -11.38 14.97 2.08
CA GLY A 112 -12.47 14.94 1.12
C GLY A 112 -12.01 14.43 -0.23
N THR A 113 -10.70 14.36 -0.45
CA THR A 113 -10.20 13.92 -1.81
C THR A 113 -10.56 12.46 -2.05
N SER A 114 -11.05 12.19 -3.26
CA SER A 114 -11.43 10.82 -3.70
C SER A 114 -10.19 9.98 -3.97
N CYS A 115 -10.17 8.75 -3.50
CA CYS A 115 -9.02 7.88 -3.68
C CYS A 115 -9.44 6.44 -3.93
N THR A 116 -8.45 5.60 -4.23
CA THR A 116 -8.66 4.15 -4.34
C THR A 116 -7.49 3.46 -3.75
N VAL A 117 -7.79 2.45 -2.96
CA VAL A 117 -6.75 1.56 -2.38
C VAL A 117 -6.99 0.13 -2.90
N SER A 118 -5.91 -0.65 -3.13
CA SER A 118 -6.04 -1.98 -3.67
C SER A 118 -5.19 -2.99 -2.94
N GLY A 119 -5.59 -4.25 -3.05
CA GLY A 119 -4.85 -5.37 -2.48
C GLY A 119 -5.51 -6.74 -2.59
N TRP A 120 -4.73 -7.75 -2.22
CA TRP A 120 -5.16 -9.15 -2.24
C TRP A 120 -5.45 -9.62 -0.79
N GLY A 121 -5.63 -8.68 0.12
CA GLY A 121 -6.06 -9.05 1.49
C GLY A 121 -7.40 -9.74 1.56
N THR A 122 -7.71 -10.29 2.74
CA THR A 122 -8.96 -10.97 2.93
C THR A 122 -10.09 -10.02 2.65
N THR A 123 -11.17 -10.57 2.10
CA THR A 123 -12.37 -9.85 1.84
C THR A 123 -13.38 -10.02 2.93
N THR A 124 -13.05 -10.80 3.93
CA THR A 124 -13.95 -10.99 5.09
C THR A 124 -13.16 -10.93 6.36
N SER A 125 -13.85 -10.65 7.46
CA SER A 125 -13.20 -10.51 8.78
C SER A 125 -14.27 -10.63 9.86
N PRO A 126 -14.05 -11.47 10.87
CA PRO A 126 -12.72 -12.02 11.23
C PRO A 126 -12.36 -13.29 10.48
N ASP A 127 -13.36 -14.03 10.06
CA ASP A 127 -13.16 -15.19 9.23
C ASP A 127 -12.58 -14.72 7.88
N VAL A 128 -11.52 -15.40 7.40
CA VAL A 128 -10.73 -14.85 6.26
C VAL A 128 -11.04 -15.56 4.93
N THR A 129 -10.94 -14.81 3.85
CA THR A 129 -11.21 -15.31 2.51
C THR A 129 -10.31 -14.54 1.56
N PHE A 130 -9.30 -15.18 1.07
CA PHE A 130 -8.32 -14.51 0.28
C PHE A 130 -8.66 -14.70 -1.17
N PRO A 131 -8.74 -13.59 -1.89
CA PRO A 131 -9.15 -13.58 -3.33
C PRO A 131 -8.02 -13.91 -4.27
N SER A 132 -8.36 -14.32 -5.50
CA SER A 132 -7.38 -14.40 -6.59
C SER A 132 -7.13 -13.00 -7.18
N ASP A 133 -8.23 -12.29 -7.42
CA ASP A 133 -8.20 -11.04 -8.12
C ASP A 133 -7.87 -9.89 -7.20
N LEU A 134 -7.05 -8.98 -7.69
CA LEU A 134 -6.83 -7.70 -7.03
C LEU A 134 -8.13 -6.97 -6.81
N MET A 135 -8.37 -6.63 -5.55
CA MET A 135 -9.56 -5.92 -5.14
C MET A 135 -9.26 -4.44 -4.92
N CYS A 136 -10.27 -3.59 -5.18
CA CYS A 136 -10.22 -2.14 -5.05
C CYS A 136 -11.34 -1.58 -4.13
N SER A 137 -11.01 -0.53 -3.35
CA SER A 137 -11.98 0.15 -2.50
C SER A 137 -11.85 1.65 -2.71
N ASP A 138 -12.98 2.29 -2.97
CA ASP A 138 -13.00 3.69 -3.12
C ASP A 138 -13.27 4.34 -1.76
N VAL A 139 -12.32 5.14 -1.35
CA VAL A 139 -12.37 5.80 -0.04
C VAL A 139 -12.01 7.28 -0.17
N LYS A 140 -12.42 8.08 0.81
CA LYS A 140 -12.05 9.48 0.80
C LYS A 140 -11.11 9.84 1.96
N LEU A 141 -10.18 10.78 1.71
CA LEU A 141 -9.31 11.30 2.78
C LEU A 141 -10.09 11.96 3.94
N ILE A 142 -9.72 11.62 5.17
CA ILE A 142 -10.40 12.15 6.36
C ILE A 142 -9.40 13.02 7.11
N SER A 143 -9.79 14.24 7.49
CA SER A 143 -8.88 15.11 8.21
C SER A 143 -8.38 14.47 9.51
N SER A 144 -7.21 14.91 9.93
CA SER A 144 -6.61 14.50 11.18
C SER A 144 -7.52 14.80 12.37
N ARG A 145 -8.03 15.99 12.41
CA ARG A 145 -9.00 16.36 13.43
C ARG A 145 -10.15 15.32 13.56
N GLU A 146 -10.81 15.02 12.45
CA GLU A 146 -11.89 14.03 12.45
C GLU A 146 -11.42 12.62 12.82
N CYS A 147 -10.23 12.22 12.32
CA CYS A 147 -9.74 10.88 12.54
C CYS A 147 -9.36 10.67 13.97
N LYS A 148 -8.86 11.74 14.57
CA LYS A 148 -8.41 11.73 15.98
C LYS A 148 -9.56 11.43 16.91
N LYS A 149 -10.77 11.79 16.49
CA LYS A 149 -11.98 11.45 17.22
C LYS A 149 -12.14 9.96 17.37
N VAL A 150 -11.63 9.19 16.42
CA VAL A 150 -11.76 7.77 16.50
C VAL A 150 -10.56 7.12 17.22
N TYR A 151 -9.34 7.54 16.86
CA TYR A 151 -8.13 6.85 17.25
C TYR A 151 -7.30 7.64 18.28
N LYS A 152 -7.68 8.89 18.53
CA LYS A 152 -7.02 9.65 19.63
C LYS A 152 -5.48 9.67 19.44
N ASP A 153 -4.78 9.21 20.46
CA ASP A 153 -3.33 9.34 20.56
C ASP A 153 -2.58 8.31 19.71
N LEU A 154 -3.32 7.37 19.13
CA LEU A 154 -2.72 6.40 18.22
C LEU A 154 -2.28 7.04 16.95
N LEU A 155 -2.81 8.22 16.64
CA LEU A 155 -2.53 8.85 15.34
C LEU A 155 -1.34 9.77 15.42
N GLY A 156 -0.39 9.54 14.55
CA GLY A 156 0.71 10.38 14.45
C GLY A 156 0.56 11.43 13.40
N LYS A 157 1.61 12.25 13.26
CA LYS A 157 1.59 13.40 12.40
C LYS A 157 1.64 13.02 10.94
N THR A 158 2.16 11.84 10.61
CA THR A 158 2.28 11.46 9.17
C THR A 158 1.49 10.20 8.85
N MET A 159 0.50 9.92 9.68
CA MET A 159 -0.52 8.97 9.32
C MET A 159 -1.69 9.71 8.66
N LEU A 160 -2.28 9.08 7.67
CA LEU A 160 -3.31 9.67 6.91
C LEU A 160 -4.49 8.71 7.02
N CYS A 161 -5.67 9.23 7.27
CA CYS A 161 -6.86 8.41 7.36
C CYS A 161 -7.72 8.54 6.12
N ALA A 162 -8.42 7.46 5.80
CA ALA A 162 -9.33 7.42 4.68
C ALA A 162 -10.43 6.38 4.88
N GLY A 163 -11.63 6.72 4.43
CA GLY A 163 -12.74 5.82 4.45
C GLY A 163 -13.98 6.51 3.90
N ILE A 164 -15.12 5.85 4.07
CA ILE A 164 -16.40 6.39 3.64
C ILE A 164 -17.33 6.28 4.81
N PRO A 165 -18.03 7.34 5.13
CA PRO A 165 -18.93 7.33 6.30
C PRO A 165 -20.00 6.22 6.21
N ASP A 166 -20.18 5.49 7.30
CA ASP A 166 -21.21 4.47 7.37
C ASP A 166 -21.03 3.37 6.29
N SER A 167 -19.81 3.18 5.81
CA SER A 167 -19.49 2.05 4.93
C SER A 167 -18.45 1.13 5.54
N LYS A 168 -18.54 -0.14 5.20
CA LYS A 168 -17.54 -1.13 5.58
C LYS A 168 -16.34 -1.17 4.62
N THR A 169 -16.45 -0.49 3.49
CA THR A 169 -15.39 -0.56 2.43
C THR A 169 -14.01 -0.09 3.01
N ASN A 170 -13.03 -0.99 2.99
CA ASN A 170 -11.85 -0.79 3.75
C ASN A 170 -10.77 -1.84 3.52
N THR A 171 -9.61 -1.61 4.13
CA THR A 171 -8.49 -2.51 4.05
C THR A 171 -8.57 -3.59 5.12
N CYS A 172 -7.76 -4.65 4.93
CA CYS A 172 -7.75 -5.74 5.89
C CYS A 172 -6.47 -6.56 5.74
N ASN A 173 -6.35 -7.61 6.54
CA ASN A 173 -5.16 -8.45 6.52
C ASN A 173 -4.73 -8.80 5.13
N GLY A 174 -3.45 -8.58 4.88
CA GLY A 174 -2.83 -8.89 3.59
C GLY A 174 -2.81 -7.69 2.61
N ASP A 175 -3.56 -6.63 2.93
CA ASP A 175 -3.50 -5.38 2.13
C ASP A 175 -2.35 -4.45 2.51
N SER A 176 -1.71 -4.71 3.67
CA SER A 176 -0.54 -3.94 4.16
C SER A 176 0.40 -3.59 3.07
N GLY A 177 0.78 -2.34 3.02
CA GLY A 177 1.86 -1.88 2.16
C GLY A 177 1.39 -1.44 0.80
N GLY A 178 0.12 -1.70 0.50
CA GLY A 178 -0.45 -1.39 -0.80
C GLY A 178 -0.74 0.09 -0.97
N PRO A 179 -0.96 0.51 -2.22
CA PRO A 179 -1.13 1.89 -2.58
C PRO A 179 -2.48 2.46 -2.29
N LEU A 180 -2.48 3.68 -1.79
CA LEU A 180 -3.64 4.57 -1.83
C LEU A 180 -3.37 5.69 -2.81
N VAL A 181 -4.04 5.64 -3.95
CA VAL A 181 -3.86 6.63 -5.00
C VAL A 181 -5.05 7.59 -5.08
N CYS A 182 -4.74 8.89 -5.11
CA CYS A 182 -5.73 9.97 -5.16
C CYS A 182 -5.25 10.97 -6.20
N ASN A 183 -6.07 11.21 -7.23
CA ASN A 183 -5.80 12.32 -8.14
C ASN A 183 -4.54 12.01 -8.91
N ASP A 184 -4.38 10.74 -9.22
CA ASP A 184 -3.24 10.22 -9.98
C ASP A 184 -1.89 10.20 -9.28
N THR A 185 -1.84 10.49 -7.97
CA THR A 185 -0.58 10.29 -7.21
C THR A 185 -0.78 9.35 -6.06
N LEU A 186 0.32 8.77 -5.61
CA LEU A 186 0.33 7.90 -4.43
C LEU A 186 0.34 8.76 -3.23
N GLN A 187 -0.71 8.67 -2.40
CA GLN A 187 -0.80 9.50 -1.21
C GLN A 187 -0.62 8.70 0.07
N GLY A 188 -0.89 7.39 0.02
CA GLY A 188 -0.77 6.56 1.15
C GLY A 188 -0.31 5.14 0.85
N LEU A 189 0.17 4.48 1.92
CA LEU A 189 0.52 3.11 1.92
C LEU A 189 -0.22 2.50 3.03
N VAL A 190 -0.85 1.37 2.77
CA VAL A 190 -1.66 0.75 3.80
C VAL A 190 -0.79 0.45 5.06
N SER A 191 -1.28 0.87 6.24
CA SER A 191 -0.51 0.64 7.47
C SER A 191 -1.33 -0.13 8.49
N TRP A 192 -2.53 0.38 8.84
CA TRP A 192 -3.38 -0.30 9.83
C TRP A 192 -4.80 0.23 9.88
N GLY A 193 -5.58 -0.35 10.78
CA GLY A 193 -6.99 -0.08 10.93
C GLY A 193 -7.46 -0.83 12.17
N THR A 194 -8.78 -0.93 12.36
CA THR A 194 -9.32 -1.67 13.50
C THR A 194 -9.69 -3.07 13.08
N TYR A 195 -9.74 -3.95 14.08
CA TYR A 195 -10.01 -5.34 13.86
C TYR A 195 -11.20 -5.73 14.75
N PRO A 196 -12.14 -6.51 14.25
CA PRO A 196 -12.21 -7.00 12.89
C PRO A 196 -12.29 -5.86 11.88
N CYS A 197 -12.01 -6.16 10.62
CA CYS A 197 -11.96 -5.15 9.60
C CYS A 197 -13.34 -4.72 9.18
N GLY A 198 -13.43 -3.55 8.59
CA GLY A 198 -14.58 -3.17 7.82
C GLY A 198 -15.72 -2.64 8.65
N GLN A 199 -15.38 -2.20 9.87
CA GLN A 199 -16.36 -1.58 10.74
C GLN A 199 -16.66 -0.18 10.31
N PRO A 200 -17.96 0.11 10.07
CA PRO A 200 -18.30 1.43 9.61
C PRO A 200 -17.81 2.48 10.54
N ASN A 201 -17.25 3.52 9.97
CA ASN A 201 -16.70 4.67 10.70
C ASN A 201 -15.45 4.38 11.47
N ASP A 202 -14.74 3.33 11.09
CA ASP A 202 -13.35 3.11 11.55
C ASP A 202 -12.47 3.27 10.39
N PRO A 203 -11.85 4.45 10.22
CA PRO A 203 -11.08 4.71 9.04
C PRO A 203 -9.93 3.72 8.89
N GLY A 204 -9.45 3.59 7.65
CA GLY A 204 -8.16 2.97 7.42
C GLY A 204 -7.07 3.96 7.65
N VAL A 205 -5.91 3.49 8.14
CA VAL A 205 -4.76 4.35 8.36
C VAL A 205 -3.60 3.99 7.45
N TYR A 206 -3.01 5.02 6.86
CA TYR A 206 -2.02 4.92 5.85
C TYR A 206 -0.81 5.81 6.25
N THR A 207 0.37 5.43 5.82
CA THR A 207 1.52 6.30 5.93
C THR A 207 1.40 7.37 4.84
N GLN A 208 1.44 8.65 5.25
CA GLN A 208 1.20 9.79 4.34
C GLN A 208 2.43 10.13 3.44
N VAL A 209 2.39 9.69 2.20
CA VAL A 209 3.57 9.60 1.40
C VAL A 209 4.18 10.97 1.02
N CYS A 210 3.36 11.98 0.94
CA CYS A 210 3.83 13.29 0.63
C CYS A 210 4.76 13.83 1.74
N LYS A 211 4.77 13.19 2.91
CA LYS A 211 5.60 13.67 4.00
C LYS A 211 7.04 13.07 3.94
N TYR A 212 7.31 12.27 2.89
CA TYR A 212 8.52 11.49 2.83
C TYR A 212 9.22 11.67 1.49
N LYS A 213 8.93 12.74 0.82
CA LYS A 213 9.41 12.94 -0.55
C LYS A 213 10.95 13.06 -0.56
N ARG A 214 11.48 13.71 0.47
CA ARG A 214 12.90 13.89 0.59
C ARG A 214 13.66 12.55 0.84
N TRP A 215 13.17 11.77 1.80
CA TRP A 215 13.76 10.49 2.14
C TRP A 215 13.67 9.50 0.93
N VAL A 216 12.53 9.49 0.33
CA VAL A 216 12.27 8.63 -0.85
C VAL A 216 13.28 8.92 -1.96
N MET A 217 13.42 10.19 -2.32
CA MET A 217 14.37 10.62 -3.35
C MET A 217 15.82 10.37 -2.97
N GLU A 218 16.16 10.64 -1.71
CA GLU A 218 17.52 10.42 -1.25
C GLU A 218 17.91 8.97 -1.33
N THR A 219 17.01 8.08 -0.98
CA THR A 219 17.29 6.67 -0.97
C THR A 219 17.40 6.07 -2.40
N MET A 220 16.68 6.62 -3.36
CA MET A 220 16.71 6.12 -4.74
C MET A 220 17.73 6.79 -5.62
N LYS A 221 18.09 7.99 -5.22
CA LYS A 221 19.12 8.78 -5.88
C LYS A 221 20.21 7.93 -6.48
N THR A 222 20.61 8.26 -7.69
CA THR A 222 21.53 7.43 -8.41
C THR A 222 22.62 8.27 -8.99
N HIS A 223 22.78 9.48 -8.43
CA HIS A 223 23.63 10.52 -9.00
C HIS A 223 24.09 11.56 -7.96
N ARG A 224 25.28 12.10 -8.23
CA ARG A 224 25.94 13.12 -7.38
C ARG A 224 24.98 14.07 -6.65
C1 9C9 B . -2.11 -6.36 8.54
O2 9C9 B . -2.24 -6.76 7.37
CL1 9C9 B . -6.13 -6.40 10.64
C6 9C9 B . -6.39 -4.90 9.72
C7 9C9 B . -7.47 -4.11 10.07
C8 9C9 B . -7.73 -2.94 9.36
C9 9C9 B . -6.85 -2.54 8.36
C10 9C9 B . -5.78 -3.35 8.01
CL2 9C9 B . -4.68 -2.84 6.75
C5 9C9 B . -5.50 -4.50 8.73
C4 9C9 B . -4.38 -5.43 8.24
C3 9C9 B . -3.14 -5.47 9.13
C11 9C9 B . -2.62 -4.09 9.32
N12 9C9 B . -1.71 -3.91 10.42
C13 9C9 B . -0.82 -4.80 10.88
N14 9C9 B . 0.05 -4.34 11.68
N62 9C9 B . -0.01 -3.01 11.93
C63 9C9 B . 1.15 -2.24 11.46
C68 9C9 B . -0.32 -2.75 13.36
C15 9C9 B . -0.98 -6.32 10.73
N16 9C9 B . -1.12 -6.76 9.32
C17 9C9 B . -0.14 -7.75 8.85
C19 9C9 B . -0.85 -9.02 8.36
O30 9C9 B . -1.88 -9.39 8.94
N20 9C9 B . -0.30 -9.69 7.33
C21 9C9 B . -0.88 -10.84 6.77
C25 9C9 B . -1.83 -11.64 7.44
C26 9C9 B . -2.40 -12.75 6.80
C27 9C9 B . -2.00 -13.08 5.51
C28 9C9 B . -1.07 -12.30 4.84
C29 9C9 B . -0.50 -11.20 5.47
C60 9C9 B . -3.40 -13.61 7.49
C64 9C9 B . -4.40 -13.20 8.38
N63 9C9 B . -5.10 -14.31 8.77
N71 9C9 B . -4.53 -15.38 8.08
C67 9C9 B . -5.13 -16.71 8.37
C61 9C9 B . -3.51 -14.99 7.33
C TRS C . -9.65 -8.65 -13.37
C1 TRS C . -11.01 -8.00 -13.49
C2 TRS C . -9.92 -10.01 -13.99
C3 TRS C . -9.12 -8.87 -11.88
N TRS C . -8.62 -7.87 -14.20
O1 TRS C . -11.06 -6.69 -12.98
O2 TRS C . -8.94 -10.39 -14.96
O3 TRS C . -8.86 -7.61 -11.01
#